data_5TO3
#
_entry.id   5TO3
#
_cell.length_a   62.939
_cell.length_b   162.174
_cell.length_c   128.859
_cell.angle_alpha   90.00
_cell.angle_beta   90.00
_cell.angle_gamma   90.00
#
_symmetry.space_group_name_H-M   'C 2 2 21'
#
loop_
_entity.id
_entity.type
_entity.pdbx_description
1 polymer Prothrombin
2 polymer Prothrombin,Thrombomodulin
3 branched 2-acetamido-2-deoxy-beta-D-glucopyranose-(1-4)-beta-D-mannopyranose-(1-4)-beta-D-mannopyranose-(1-4)-alpha-D-mannopyranose-(1-4)-[beta-D-mannopyranose-(1-6)]beta-D-mannopyranose-(1-4)-2-acetamido-2-deoxy-beta-D-glucopyranose
4 non-polymer D-phenylalanyl-N-[(2S,3S)-6-{[amino(iminio)methyl]amino}-1-chloro-2-hydroxyhexan-3-yl]-L-prolinamide
5 non-polymer 'POTASSIUM ION'
6 non-polymer 'SODIUM ION'
7 non-polymer 2-acetamido-2-deoxy-beta-D-glucopyranose
8 water water
#
loop_
_entity_poly.entity_id
_entity_poly.type
_entity_poly.pdbx_seq_one_letter_code
_entity_poly.pdbx_strand_id
1 'polypeptide(L)' SEYQTFFNPRTFGSGEADCGLRPLFEKKSLEDKTERELLESYIDGR A
2 'polypeptide(L)'
;IVEGSDAEIGMSPWQVMLFRKSPQELLCGASLISDRWVLTAAHCLLYPPWDKNFTENDLLVRIGKHSRTRYERNIEKISM
LEKIYIHPRYNWRENLDRDIALMKLKKPVAFSDYIHPVCLPDRETAASLLQAGYKGRVTGWGNLKETWTANVGKGQPSVL
QVVNLPIVERPVCKDSTRIRITDNMFCAGYKPDEGKRGDACEGDSGGPFVMKSPFNNRWYQMGIVSAGAGCDRDGKYGFY
THVFRLKKWIQKVIDQFGGGSSSAGGGSSSGGGGSSSAGGGSSSGGGGVEPVDPCFRANCEYQCQPLNQTSYLCVCAEGF
APIPHEPHRCQMFCNQTACPADCDPNTQASCECPEGYILDDGFICTDIDECENGGFCSGVCHNLPGTFECICGPDSALAR
HIGTDCDSG
;
B
#
loop_
_chem_comp.id
_chem_comp.type
_chem_comp.name
_chem_comp.formula
0G6 peptide-like D-phenylalanyl-N-[(2S,3S)-6-{[amino(iminio)methyl]amino}-1-chloro-2-hydroxyhexan-3-yl]-L-prolinamide 'C21 H34 Cl N6 O3 1'
BMA D-saccharide, beta linking beta-D-mannopyranose 'C6 H12 O6'
K non-polymer 'POTASSIUM ION' 'K 1'
MAN D-saccharide, alpha linking alpha-D-mannopyranose 'C6 H12 O6'
NA non-polymer 'SODIUM ION' 'Na 1'
NAG D-saccharide, beta linking 2-acetamido-2-deoxy-beta-D-glucopyranose 'C8 H15 N O6'
#
# COMPACT_ATOMS: atom_id res chain seq x y z
N SER A 1 -29.23 0.55 -0.22
CA SER A 1 -28.04 0.72 0.68
C SER A 1 -27.99 2.14 1.22
N GLU A 2 -28.79 2.45 2.25
CA GLU A 2 -28.86 3.86 2.72
C GLU A 2 -27.54 4.24 3.39
N TYR A 3 -26.84 5.20 2.78
CA TYR A 3 -25.59 5.70 3.30
C TYR A 3 -25.65 7.23 3.27
N GLN A 4 -25.56 7.90 4.43
CA GLN A 4 -25.37 9.37 4.47
C GLN A 4 -23.87 9.63 4.27
N THR A 5 -23.48 10.74 3.65
CA THR A 5 -22.04 11.09 3.58
C THR A 5 -21.61 11.84 4.84
N PHE A 6 -20.35 11.66 5.19
CA PHE A 6 -19.74 12.35 6.29
C PHE A 6 -18.81 13.49 5.84
N PHE A 7 -18.07 13.28 4.76
CA PHE A 7 -17.03 14.20 4.33
C PHE A 7 -17.51 15.16 3.25
N ASN A 8 -16.78 16.27 3.11
CA ASN A 8 -16.98 17.22 2.03
C ASN A 8 -16.13 16.74 0.84
N PRO A 9 -16.77 16.43 -0.30
CA PRO A 9 -16.05 16.05 -1.55
C PRO A 9 -15.10 17.11 -2.14
N ARG A 10 -15.28 18.36 -1.76
CA ARG A 10 -14.32 19.37 -2.11
C ARG A 10 -12.93 19.00 -1.60
N THR A 11 -12.87 18.44 -0.39
CA THR A 11 -11.61 18.06 0.26
C THR A 11 -11.35 16.55 0.20
N PHE A 12 -12.39 15.76 0.40
CA PHE A 12 -12.30 14.30 0.32
C PHE A 12 -12.10 13.72 -1.09
N GLY A 13 -12.55 14.47 -2.11
CA GLY A 13 -12.68 13.91 -3.45
C GLY A 13 -13.91 13.04 -3.61
N SER A 14 -14.03 12.35 -4.75
CA SER A 14 -15.22 11.57 -5.05
C SER A 14 -15.10 10.16 -4.53
N GLY A 15 -16.23 9.49 -4.44
CA GLY A 15 -16.30 8.07 -4.08
C GLY A 15 -17.19 7.74 -2.88
N GLU A 16 -17.34 8.72 -1.98
CA GLU A 16 -17.91 8.43 -0.69
C GLU A 16 -19.26 7.79 -0.86
N ALA A 17 -20.14 8.42 -1.65
CA ALA A 17 -21.54 7.97 -1.72
C ALA A 17 -21.70 6.53 -2.15
N ASP A 18 -20.85 6.07 -3.05
CA ASP A 18 -20.90 4.67 -3.47
C ASP A 18 -19.80 3.79 -2.82
N CYS A 19 -19.30 4.18 -1.65
CA CYS A 19 -18.26 3.40 -0.96
C CYS A 19 -18.75 2.02 -0.54
N GLY A 20 -17.84 1.09 -0.38
CA GLY A 20 -18.16 -0.21 0.19
C GLY A 20 -18.98 -1.18 -0.63
N LEU A 21 -19.30 -0.86 -1.89
CA LEU A 21 -20.09 -1.75 -2.79
C LEU A 21 -19.19 -2.20 -3.92
N ARG A 22 -18.98 -3.50 -4.00
CA ARG A 22 -18.00 -4.02 -4.94
C ARG A 22 -18.62 -4.18 -6.35
N PRO A 23 -17.93 -3.65 -7.37
CA PRO A 23 -18.30 -3.87 -8.73
C PRO A 23 -18.56 -5.33 -9.12
N LEU A 24 -17.73 -6.23 -8.63
CA LEU A 24 -17.81 -7.64 -9.05
C LEU A 24 -18.63 -8.49 -8.10
N PHE A 25 -19.33 -7.85 -7.15
CA PHE A 25 -20.13 -8.56 -6.15
C PHE A 25 -21.44 -7.86 -5.88
N GLU A 26 -21.41 -6.81 -5.07
CA GLU A 26 -22.65 -6.21 -4.61
C GLU A 26 -23.38 -5.60 -5.81
N LYS A 27 -22.62 -4.94 -6.68
CA LYS A 27 -23.16 -4.30 -7.87
C LYS A 27 -23.71 -5.28 -8.90
N LYS A 28 -23.34 -6.56 -8.80
CA LYS A 28 -23.91 -7.63 -9.61
C LYS A 28 -24.76 -8.65 -8.83
N SER A 29 -25.11 -8.36 -7.59
CA SER A 29 -25.78 -9.34 -6.75
C SER A 29 -25.05 -10.67 -6.75
N LEU A 30 -23.79 -10.63 -6.40
CA LEU A 30 -23.02 -11.84 -6.15
C LEU A 30 -22.36 -11.80 -4.77
N GLU A 31 -22.30 -12.98 -4.15
CA GLU A 31 -21.59 -13.15 -2.90
C GLU A 31 -20.21 -13.76 -3.12
N ASP A 32 -19.23 -13.26 -2.40
CA ASP A 32 -17.93 -13.92 -2.35
C ASP A 32 -18.07 -15.22 -1.52
N LYS A 33 -17.08 -16.09 -1.61
CA LYS A 33 -17.22 -17.45 -1.06
C LYS A 33 -17.39 -17.46 0.44
N THR A 34 -16.69 -16.57 1.15
CA THR A 34 -16.72 -16.54 2.63
C THR A 34 -17.51 -15.42 3.29
N GLU A 35 -17.99 -14.47 2.49
CA GLU A 35 -18.92 -13.42 2.90
C GLU A 35 -19.97 -13.87 3.92
N ARG A 36 -20.58 -15.03 3.67
CA ARG A 36 -21.67 -15.54 4.52
C ARG A 36 -21.24 -15.81 5.94
N GLU A 37 -20.04 -16.38 6.05
CA GLU A 37 -19.38 -16.63 7.32
C GLU A 37 -19.50 -15.44 8.29
N LEU A 38 -19.35 -14.24 7.76
CA LEU A 38 -19.38 -13.02 8.56
C LEU A 38 -20.78 -12.67 8.98
N LEU A 39 -21.71 -12.82 8.03
CA LEU A 39 -23.15 -12.64 8.25
C LEU A 39 -23.61 -13.48 9.42
N GLU A 40 -23.21 -14.74 9.43
CA GLU A 40 -23.67 -15.70 10.44
C GLU A 40 -23.13 -15.41 11.82
N SER A 41 -21.93 -14.86 11.90
CA SER A 41 -21.37 -14.43 13.17
C SER A 41 -22.22 -13.36 13.85
N TYR A 42 -22.96 -12.58 13.07
CA TYR A 42 -23.92 -11.63 13.64
C TYR A 42 -25.12 -12.36 14.18
N ILE A 43 -25.59 -13.38 13.47
CA ILE A 43 -26.64 -14.25 13.94
C ILE A 43 -26.06 -15.16 15.05
N ASP A 44 -25.93 -14.57 16.25
CA ASP A 44 -25.19 -15.09 17.42
C ASP A 44 -24.96 -14.00 18.48
N ILE B 1 -0.56 -13.10 5.71
CA ILE B 1 -1.79 -13.68 6.35
C ILE B 1 -1.52 -15.15 6.59
N VAL B 2 -1.67 -15.58 7.84
CA VAL B 2 -1.47 -16.98 8.20
C VAL B 2 -2.82 -17.71 8.18
N GLU B 3 -2.85 -18.86 7.52
CA GLU B 3 -4.06 -19.70 7.37
C GLU B 3 -5.24 -19.00 6.68
N GLY B 4 -4.92 -18.02 5.84
CA GLY B 4 -5.88 -17.43 4.92
C GLY B 4 -5.92 -18.18 3.60
N SER B 5 -6.59 -17.62 2.61
CA SER B 5 -6.73 -18.23 1.30
C SER B 5 -6.53 -17.19 0.17
N ASP B 6 -6.56 -17.66 -1.08
CA ASP B 6 -6.45 -16.70 -2.18
C ASP B 6 -7.68 -15.81 -2.20
N ALA B 7 -7.47 -14.53 -2.40
CA ALA B 7 -8.60 -13.65 -2.60
C ALA B 7 -9.17 -13.89 -4.01
N GLU B 8 -10.49 -13.82 -4.12
CA GLU B 8 -11.13 -13.81 -5.44
C GLU B 8 -10.78 -12.50 -6.07
N ILE B 9 -10.77 -12.46 -7.39
CA ILE B 9 -10.60 -11.21 -8.10
C ILE B 9 -11.77 -10.25 -7.78
N GLY B 10 -11.46 -9.04 -7.36
CA GLY B 10 -12.47 -7.99 -7.06
C GLY B 10 -13.03 -8.01 -5.65
N MET B 11 -12.44 -8.85 -4.81
CA MET B 11 -12.92 -9.13 -3.47
C MET B 11 -12.56 -8.01 -2.49
N SER B 12 -11.40 -7.38 -2.67
CA SER B 12 -10.97 -6.25 -1.85
C SER B 12 -10.45 -5.14 -2.73
N PRO B 13 -11.34 -4.50 -3.50
CA PRO B 13 -10.90 -3.49 -4.43
C PRO B 13 -10.42 -2.20 -3.80
N TRP B 14 -10.50 -2.11 -2.49
CA TRP B 14 -9.94 -0.99 -1.73
C TRP B 14 -8.51 -1.29 -1.21
N GLN B 15 -8.02 -2.53 -1.44
CA GLN B 15 -6.69 -2.96 -1.00
C GLN B 15 -5.61 -2.18 -1.73
N VAL B 16 -4.70 -1.59 -0.99
CA VAL B 16 -3.62 -0.80 -1.56
C VAL B 16 -2.27 -1.38 -1.09
N MET B 17 -1.35 -1.52 -2.04
CA MET B 17 0.00 -1.95 -1.74
C MET B 17 0.92 -0.74 -1.68
N LEU B 18 1.67 -0.62 -0.59
CA LEU B 18 2.71 0.38 -0.54
C LEU B 18 3.96 -0.25 -1.04
N PHE B 19 4.61 0.47 -1.96
CA PHE B 19 5.75 -0.03 -2.68
C PHE B 19 6.91 0.96 -2.63
N ARG B 20 7.99 0.50 -2.03
CA ARG B 20 9.20 1.27 -1.95
C ARG B 20 9.87 1.35 -3.30
N LYS B 21 10.37 2.52 -3.65
CA LYS B 21 10.97 2.73 -4.96
C LYS B 21 12.38 2.15 -5.03
N SER B 22 13.17 2.50 -4.02
CA SER B 22 14.60 2.23 -3.98
C SER B 22 14.95 1.72 -2.59
N PRO B 23 15.21 0.40 -2.46
CA PRO B 23 15.03 -0.66 -3.44
C PRO B 23 13.55 -0.92 -3.72
N GLN B 24 13.28 -1.62 -4.81
CA GLN B 24 11.93 -2.03 -5.19
C GLN B 24 11.41 -3.16 -4.30
N GLU B 25 10.49 -2.86 -3.40
CA GLU B 25 9.95 -3.91 -2.51
C GLU B 25 8.63 -3.49 -1.86
N LEU B 26 7.72 -4.45 -1.75
CA LEU B 26 6.52 -4.32 -0.94
C LEU B 26 6.88 -3.77 0.42
N LEU B 27 6.18 -2.76 0.88
CA LEU B 27 6.42 -2.17 2.18
C LEU B 27 5.32 -2.52 3.20
N CYS B 28 4.06 -2.39 2.78
CA CYS B 28 2.92 -2.49 3.67
C CYS B 28 1.61 -2.61 2.89
N GLY B 29 0.56 -2.91 3.63
CA GLY B 29 -0.81 -2.69 3.18
C GLY B 29 -1.29 -1.26 3.45
N ALA B 30 -2.41 -0.94 2.82
CA ALA B 30 -3.11 0.34 3.01
C ALA B 30 -4.50 0.15 2.45
N SER B 31 -5.36 1.17 2.55
CA SER B 31 -6.72 1.09 1.98
C SER B 31 -7.14 2.35 1.30
N LEU B 32 -8.00 2.18 0.31
CA LEU B 32 -8.51 3.32 -0.45
C LEU B 32 -9.85 3.78 0.13
N ILE B 33 -9.96 5.07 0.47
CA ILE B 33 -11.19 5.65 1.04
C ILE B 33 -11.94 6.67 0.17
N SER B 34 -11.26 7.26 -0.80
CA SER B 34 -11.88 8.05 -1.83
C SER B 34 -10.93 7.99 -3.05
N ASP B 35 -11.23 8.76 -4.11
CA ASP B 35 -10.33 8.84 -5.23
C ASP B 35 -9.01 9.59 -4.91
N ARG B 36 -8.95 10.32 -3.79
CA ARG B 36 -7.71 11.02 -3.39
C ARG B 36 -7.02 10.53 -2.12
N TRP B 37 -7.67 9.71 -1.28
CA TRP B 37 -7.10 9.41 0.04
C TRP B 37 -6.93 7.96 0.37
N VAL B 38 -5.79 7.69 0.98
CA VAL B 38 -5.37 6.36 1.33
C VAL B 38 -5.07 6.31 2.84
N LEU B 39 -5.51 5.25 3.48
CA LEU B 39 -5.36 5.07 4.92
C LEU B 39 -4.33 3.96 5.13
N THR B 40 -3.51 4.07 6.15
CA THR B 40 -2.53 3.01 6.48
C THR B 40 -2.02 3.13 7.91
N ALA B 41 -1.05 2.31 8.29
CA ALA B 41 -0.47 2.38 9.64
C ALA B 41 0.70 3.37 9.67
N ALA B 42 0.86 4.11 10.76
CA ALA B 42 1.98 5.05 10.88
C ALA B 42 3.36 4.35 10.92
N HIS B 43 3.45 3.12 11.46
CA HIS B 43 4.74 2.43 11.64
C HIS B 43 5.32 1.89 10.33
N CYS B 44 4.43 1.65 9.36
CA CYS B 44 4.82 1.42 7.98
C CYS B 44 5.71 2.54 7.44
N LEU B 45 5.30 3.76 7.73
CA LEU B 45 5.99 4.95 7.29
C LEU B 45 7.11 5.43 8.18
N LEU B 46 6.94 5.24 9.48
CA LEU B 46 7.81 5.80 10.49
C LEU B 46 7.87 4.90 11.71
N TYR B 47 9.05 4.33 11.94
CA TYR B 47 9.32 3.48 13.08
C TYR B 47 10.85 3.48 13.31
N PRO B 48 11.37 4.47 14.02
CA PRO B 48 12.79 4.63 14.24
C PRO B 48 13.58 3.44 14.71
N PRO B 49 12.99 2.54 15.51
CA PRO B 49 13.74 1.35 15.88
C PRO B 49 14.13 0.46 14.70
N TRP B 50 13.42 0.54 13.59
CA TRP B 50 13.87 -0.13 12.40
C TRP B 50 14.44 0.83 11.34
N ASP B 51 14.99 1.96 11.78
CA ASP B 51 15.42 3.04 10.87
C ASP B 51 14.41 3.37 9.74
N LYS B 52 13.12 3.34 10.05
CA LYS B 52 12.07 3.61 9.06
C LYS B 52 11.63 5.05 9.23
N ASN B 53 11.76 5.84 8.16
CA ASN B 53 11.27 7.21 8.12
C ASN B 53 11.19 7.68 6.68
N PHE B 54 10.09 7.35 6.02
CA PHE B 54 9.90 7.59 4.58
C PHE B 54 9.29 8.97 4.33
N THR B 55 9.73 9.67 3.30
CA THR B 55 8.99 10.82 2.80
C THR B 55 8.20 10.38 1.55
N GLU B 56 7.50 11.33 0.94
CA GLU B 56 6.53 11.02 -0.12
C GLU B 56 7.14 10.49 -1.42
N ASN B 57 8.29 11.07 -1.80
CA ASN B 57 9.00 10.63 -3.00
C ASN B 57 9.64 9.23 -2.93
N ASP B 58 9.71 8.66 -1.73
CA ASP B 58 10.26 7.31 -1.54
C ASP B 58 9.30 6.21 -1.92
N LEU B 59 8.00 6.52 -2.04
CA LEU B 59 6.97 5.49 -2.14
C LEU B 59 6.13 5.58 -3.37
N LEU B 60 5.57 4.44 -3.71
CA LEU B 60 4.51 4.33 -4.66
C LEU B 60 3.32 3.65 -4.04
N VAL B 61 2.15 4.03 -4.57
CA VAL B 61 0.92 3.41 -4.20
C VAL B 61 0.36 2.69 -5.43
N ARG B 62 0.19 1.39 -5.30
CA ARG B 62 -0.30 0.50 -6.33
C ARG B 62 -1.67 -0.08 -5.95
N ILE B 63 -2.64 0.11 -6.83
CA ILE B 63 -4.04 -0.08 -6.53
C ILE B 63 -4.66 -1.00 -7.58
N GLY B 64 -5.59 -1.84 -7.16
CA GLY B 64 -6.22 -2.78 -8.06
C GLY B 64 -5.38 -4.03 -8.23
N LYS B 65 -4.38 -4.22 -7.36
CA LYS B 65 -3.47 -5.36 -7.45
C LYS B 65 -4.06 -6.63 -6.90
N HIS B 66 -3.57 -7.74 -7.44
CA HIS B 66 -3.92 -9.09 -6.99
C HIS B 66 -2.63 -9.90 -6.78
N SER B 67 -1.85 -10.09 -7.85
CA SER B 67 -0.54 -10.73 -7.72
C SER B 67 0.40 -9.92 -6.81
N ARG B 68 1.18 -10.63 -6.00
CA ARG B 68 2.20 -9.97 -5.17
C ARG B 68 3.26 -9.30 -6.03
N THR B 69 3.61 -9.92 -7.16
CA THR B 69 4.83 -9.58 -7.88
C THR B 69 4.66 -9.16 -9.34
N ARG B 70 3.68 -9.70 -10.04
CA ARG B 70 3.42 -9.29 -11.41
C ARG B 70 3.03 -7.80 -11.48
N TYR B 71 3.63 -7.09 -12.42
CA TYR B 71 3.12 -5.78 -12.80
C TYR B 71 1.92 -6.02 -13.69
N GLU B 72 0.74 -5.68 -13.19
CA GLU B 72 -0.51 -6.12 -13.78
C GLU B 72 -1.00 -5.09 -14.76
N ARG B 73 -0.37 -5.09 -15.93
CA ARG B 73 -0.64 -4.09 -16.95
C ARG B 73 -2.13 -4.09 -17.29
N ASN B 74 -2.66 -2.90 -17.49
CA ASN B 74 -4.09 -2.65 -17.76
C ASN B 74 -5.11 -3.00 -16.66
N ILE B 75 -4.64 -3.25 -15.44
CA ILE B 75 -5.51 -3.55 -14.29
C ILE B 75 -5.11 -2.70 -13.09
N GLU B 76 -3.86 -2.83 -12.64
CA GLU B 76 -3.39 -2.05 -11.48
C GLU B 76 -3.10 -0.63 -11.89
N LYS B 77 -3.11 0.28 -10.93
CA LYS B 77 -2.79 1.68 -11.18
C LYS B 77 -1.89 2.20 -10.08
N ILE B 78 -0.92 3.00 -10.50
CA ILE B 78 0.11 3.49 -9.64
C ILE B 78 -0.20 4.93 -9.41
N SER B 79 -0.16 5.35 -8.15
CA SER B 79 -0.41 6.71 -7.77
C SER B 79 0.79 7.19 -7.00
N MET B 80 1.10 8.45 -7.16
CA MET B 80 2.14 9.07 -6.41
C MET B 80 1.47 9.83 -5.29
N LEU B 81 2.26 10.14 -4.28
CA LEU B 81 1.79 10.82 -3.10
C LEU B 81 2.05 12.31 -3.20
N GLU B 82 1.07 13.09 -2.78
CA GLU B 82 1.22 14.52 -2.61
C GLU B 82 1.77 14.77 -1.22
N LYS B 83 1.17 14.12 -0.22
CA LYS B 83 1.57 14.36 1.16
C LYS B 83 1.18 13.23 2.07
N ILE B 84 1.93 13.08 3.16
CA ILE B 84 1.72 12.08 4.19
C ILE B 84 1.35 12.80 5.46
N TYR B 85 0.48 12.17 6.27
CA TYR B 85 0.04 12.71 7.55
C TYR B 85 -0.03 11.61 8.56
N ILE B 86 0.84 11.68 9.55
CA ILE B 86 0.90 10.72 10.64
C ILE B 86 0.26 11.40 11.84
N HIS B 87 -0.49 10.62 12.59
CA HIS B 87 -1.17 11.11 13.75
C HIS B 87 -0.14 11.74 14.71
N PRO B 88 -0.38 12.98 15.19
CA PRO B 88 0.62 13.66 16.00
C PRO B 88 0.88 13.09 17.39
N ARG B 89 -0.10 12.42 17.97
CA ARG B 89 0.07 11.60 19.19
C ARG B 89 0.38 10.09 18.98
N TYR B 90 0.91 9.73 17.81
CA TYR B 90 1.33 8.34 17.52
C TYR B 90 2.44 7.88 18.46
N ASN B 91 2.15 6.87 19.27
CA ASN B 91 3.03 6.47 20.32
C ASN B 91 3.81 5.20 19.94
N TRP B 92 4.92 5.40 19.25
CA TRP B 92 5.76 4.27 18.82
C TRP B 92 6.72 3.76 19.91
N ARG B 93 7.13 4.66 20.81
CA ARG B 93 7.95 4.31 21.98
C ARG B 93 7.43 3.14 22.85
N GLU B 94 6.09 3.00 22.94
CA GLU B 94 5.43 2.13 23.92
C GLU B 94 4.47 1.13 23.28
N ASN B 95 3.52 1.65 22.55
CA ASN B 95 2.23 1.02 22.27
C ASN B 95 1.84 0.79 20.84
N LEU B 96 2.39 1.60 19.94
CA LEU B 96 1.77 1.84 18.67
C LEU B 96 0.34 2.46 18.86
N ASP B 97 0.15 3.26 19.90
CA ASP B 97 -1.12 3.87 20.11
C ASP B 97 -1.30 4.83 18.99
N ARG B 98 -2.45 4.74 18.34
CA ARG B 98 -2.77 5.59 17.20
C ARG B 98 -1.82 5.32 16.03
N ASP B 99 -1.67 4.02 15.73
CA ASP B 99 -0.92 3.56 14.56
C ASP B 99 -1.78 3.87 13.32
N ILE B 100 -1.79 5.13 12.92
CA ILE B 100 -2.56 5.55 11.78
C ILE B 100 -1.90 6.67 10.95
N ALA B 101 -2.14 6.63 9.64
CA ALA B 101 -1.63 7.66 8.77
C ALA B 101 -2.49 7.81 7.55
N LEU B 102 -2.58 9.06 7.09
CA LEU B 102 -3.27 9.39 5.86
C LEU B 102 -2.30 9.77 4.76
N MET B 103 -2.67 9.41 3.54
CA MET B 103 -1.86 9.70 2.37
C MET B 103 -2.71 10.30 1.26
N LYS B 104 -2.35 11.51 0.87
CA LYS B 104 -3.03 12.21 -0.19
C LYS B 104 -2.28 11.96 -1.50
N LEU B 105 -3.03 11.61 -2.55
CA LEU B 105 -2.50 11.29 -3.85
C LEU B 105 -2.41 12.53 -4.73
N LYS B 106 -1.35 12.63 -5.53
CA LYS B 106 -1.17 13.78 -6.45
C LYS B 106 -2.39 14.03 -7.32
N LYS B 107 -2.96 12.95 -7.86
CA LYS B 107 -4.13 12.99 -8.74
C LYS B 107 -5.14 11.97 -8.31
N PRO B 108 -6.42 12.18 -8.66
CA PRO B 108 -7.45 11.21 -8.27
C PRO B 108 -7.29 9.91 -9.00
N VAL B 109 -7.63 8.80 -8.37
CA VAL B 109 -7.47 7.54 -9.06
C VAL B 109 -8.75 7.18 -9.79
N ALA B 110 -8.58 6.55 -10.95
CA ALA B 110 -9.70 6.09 -11.73
C ALA B 110 -10.23 4.81 -11.12
N PHE B 111 -11.53 4.75 -10.85
CA PHE B 111 -12.12 3.58 -10.22
C PHE B 111 -12.39 2.57 -11.30
N SER B 112 -12.52 1.31 -10.95
CA SER B 112 -12.82 0.26 -11.94
C SER B 112 -13.43 -0.95 -11.25
N ASP B 113 -13.61 -2.04 -11.99
CA ASP B 113 -14.01 -3.31 -11.39
C ASP B 113 -13.10 -3.75 -10.27
N TYR B 114 -11.84 -3.33 -10.33
CA TYR B 114 -10.83 -3.74 -9.34
C TYR B 114 -10.45 -2.66 -8.34
N ILE B 115 -10.85 -1.41 -8.56
CA ILE B 115 -10.43 -0.29 -7.74
C ILE B 115 -11.67 0.45 -7.37
N HIS B 116 -11.90 0.61 -6.07
CA HIS B 116 -13.14 1.11 -5.51
C HIS B 116 -12.97 1.30 -4.01
N PRO B 117 -13.40 2.46 -3.46
CA PRO B 117 -13.12 2.74 -2.02
C PRO B 117 -14.00 2.03 -0.99
N VAL B 118 -13.52 1.97 0.24
CA VAL B 118 -14.21 1.32 1.36
C VAL B 118 -14.93 2.40 2.15
N CYS B 119 -15.98 2.04 2.91
CA CYS B 119 -16.65 3.01 3.80
C CYS B 119 -15.92 3.11 5.12
N LEU B 120 -15.95 4.31 5.69
CA LEU B 120 -15.58 4.49 7.06
C LEU B 120 -16.82 4.53 7.92
N PRO B 121 -16.78 3.89 9.10
CA PRO B 121 -18.00 3.74 9.87
C PRO B 121 -18.41 5.02 10.56
N ASP B 122 -19.72 5.15 10.76
CA ASP B 122 -20.28 6.17 11.64
C ASP B 122 -20.43 5.59 13.05
N ARG B 123 -20.81 6.45 13.99
CA ARG B 123 -20.98 6.08 15.42
C ARG B 123 -21.79 4.79 15.65
N GLU B 124 -22.86 4.63 14.88
CA GLU B 124 -23.82 3.55 15.06
C GLU B 124 -23.31 2.27 14.46
N THR B 125 -22.77 2.36 13.25
CA THR B 125 -22.20 1.19 12.59
C THR B 125 -21.08 0.59 13.47
N ALA B 126 -20.27 1.47 14.02
CA ALA B 126 -19.19 1.05 14.90
C ALA B 126 -19.74 0.34 16.16
N ALA B 127 -20.55 1.09 16.92
CA ALA B 127 -21.24 0.58 18.10
C ALA B 127 -21.76 -0.83 17.88
N SER B 128 -22.55 -1.00 16.84
CA SER B 128 -23.28 -2.25 16.62
C SER B 128 -22.40 -3.41 16.22
N LEU B 129 -21.40 -3.17 15.37
CA LEU B 129 -20.59 -4.25 14.77
C LEU B 129 -19.32 -4.63 15.55
N LEU B 130 -18.78 -3.71 16.32
CA LEU B 130 -17.53 -3.97 17.01
C LEU B 130 -17.78 -4.64 18.30
N GLN B 131 -18.01 -5.95 18.21
CA GLN B 131 -18.47 -6.73 19.36
C GLN B 131 -17.93 -8.11 19.27
N ALA B 132 -17.50 -8.64 20.42
CA ALA B 132 -16.81 -9.91 20.52
C ALA B 132 -17.60 -11.03 19.84
N GLY B 133 -16.90 -11.84 19.05
CA GLY B 133 -17.48 -12.95 18.33
C GLY B 133 -18.04 -12.58 16.98
N TYR B 134 -18.24 -11.29 16.69
CA TYR B 134 -18.56 -10.90 15.32
C TYR B 134 -17.25 -10.91 14.56
N LYS B 135 -17.33 -11.40 13.32
CA LYS B 135 -16.17 -11.52 12.45
C LYS B 135 -16.04 -10.43 11.42
N GLY B 136 -14.80 -9.95 11.27
CA GLY B 136 -14.43 -9.12 10.13
C GLY B 136 -13.47 -9.90 9.25
N ARG B 137 -12.91 -9.20 8.26
CA ARG B 137 -12.03 -9.79 7.26
C ARG B 137 -10.74 -8.98 7.13
N VAL B 138 -9.62 -9.67 7.01
CA VAL B 138 -8.31 -9.03 6.87
C VAL B 138 -7.65 -9.57 5.62
N THR B 139 -6.96 -8.68 4.89
CA THR B 139 -6.31 -9.01 3.64
C THR B 139 -4.92 -8.42 3.58
N GLY B 140 -4.05 -9.11 2.84
CA GLY B 140 -2.71 -8.59 2.64
C GLY B 140 -1.79 -9.53 1.91
N TRP B 141 -0.61 -9.01 1.59
CA TRP B 141 0.38 -9.79 0.87
C TRP B 141 1.50 -10.26 1.79
N GLY B 142 1.33 -10.08 3.10
CA GLY B 142 2.37 -10.35 4.09
C GLY B 142 2.74 -11.80 4.22
N ASN B 143 3.55 -12.07 5.24
CA ASN B 143 4.10 -13.39 5.44
C ASN B 143 3.03 -14.44 5.70
N LEU B 144 3.26 -15.65 5.23
CA LEU B 144 2.35 -16.75 5.47
C LEU B 144 2.62 -17.48 6.77
N LYS B 145 3.80 -17.28 7.36
CA LYS B 145 4.15 -17.88 8.66
C LYS B 145 5.00 -16.95 9.52
N GLU B 146 5.14 -17.33 10.78
CA GLU B 146 5.98 -16.62 11.72
C GLU B 146 7.44 -16.82 11.33
N THR B 147 7.81 -18.07 11.04
CA THR B 147 9.15 -18.39 10.53
C THR B 147 9.42 -17.65 9.20
N LYS B 154 9.79 -20.07 -0.17
CA LYS B 154 9.35 -18.78 0.35
C LYS B 154 8.00 -18.84 1.10
N GLY B 155 7.95 -18.26 2.31
CA GLY B 155 6.70 -18.01 3.01
C GLY B 155 6.13 -16.68 2.56
N GLN B 156 5.95 -16.54 1.26
CA GLN B 156 5.33 -15.37 0.67
C GLN B 156 4.34 -15.84 -0.35
N PRO B 157 3.16 -15.25 -0.36
CA PRO B 157 2.13 -15.72 -1.24
C PRO B 157 2.31 -15.11 -2.61
N SER B 158 1.92 -15.82 -3.65
CA SER B 158 1.93 -15.23 -4.98
C SER B 158 0.74 -14.30 -5.21
N VAL B 159 -0.33 -14.45 -4.42
CA VAL B 159 -1.55 -13.69 -4.58
C VAL B 159 -2.06 -13.14 -3.22
N LEU B 160 -2.82 -12.05 -3.28
CA LEU B 160 -3.44 -11.44 -2.08
C LEU B 160 -4.19 -12.45 -1.26
N GLN B 161 -3.90 -12.47 0.03
CA GLN B 161 -4.52 -13.43 0.95
C GLN B 161 -5.62 -12.77 1.74
N VAL B 162 -6.59 -13.61 2.13
CA VAL B 162 -7.74 -13.18 2.95
C VAL B 162 -8.00 -14.15 4.08
N VAL B 163 -8.39 -13.63 5.25
CA VAL B 163 -8.97 -14.44 6.33
C VAL B 163 -10.00 -13.65 7.17
N ASN B 164 -10.99 -14.38 7.67
CA ASN B 164 -12.06 -13.83 8.47
C ASN B 164 -11.81 -14.24 9.92
N LEU B 165 -11.95 -13.26 10.85
CA LEU B 165 -11.54 -13.42 12.23
C LEU B 165 -12.52 -12.73 13.17
N PRO B 166 -12.80 -13.36 14.34
CA PRO B 166 -13.76 -12.81 15.26
C PRO B 166 -13.10 -11.80 16.19
N ILE B 167 -13.86 -10.77 16.54
CA ILE B 167 -13.39 -9.79 17.49
C ILE B 167 -13.31 -10.43 18.87
N VAL B 168 -12.31 -10.01 19.65
CA VAL B 168 -12.06 -10.59 20.96
C VAL B 168 -12.30 -9.51 22.00
N GLU B 169 -12.80 -9.92 23.15
CA GLU B 169 -13.26 -8.97 24.16
C GLU B 169 -12.08 -8.54 24.97
N ARG B 170 -12.12 -7.29 25.44
CA ARG B 170 -10.94 -6.61 25.98
C ARG B 170 -10.29 -7.38 27.10
N PRO B 171 -11.07 -7.84 28.10
CA PRO B 171 -10.40 -8.51 29.22
C PRO B 171 -9.45 -9.60 28.73
N VAL B 172 -9.84 -10.32 27.69
CA VAL B 172 -9.01 -11.36 27.12
C VAL B 172 -7.80 -10.80 26.34
N CYS B 173 -8.03 -9.83 25.44
CA CYS B 173 -6.92 -9.10 24.78
C CYS B 173 -5.92 -8.60 25.79
N LYS B 174 -6.45 -8.01 26.85
CA LYS B 174 -5.65 -7.36 27.87
C LYS B 174 -4.73 -8.37 28.55
N ASP B 175 -5.31 -9.47 29.00
CA ASP B 175 -4.59 -10.53 29.68
C ASP B 175 -3.72 -11.39 28.79
N SER B 176 -3.81 -11.20 27.47
CA SER B 176 -2.93 -11.86 26.50
C SER B 176 -1.53 -11.25 26.26
N THR B 177 -1.20 -10.10 26.85
CA THR B 177 0.04 -9.36 26.54
C THR B 177 0.32 -8.40 27.65
N ARG B 178 1.58 -8.11 27.92
CA ARG B 178 1.91 -7.09 28.93
C ARG B 178 1.92 -5.66 28.41
N ILE B 179 1.64 -5.46 27.14
CA ILE B 179 1.61 -4.10 26.61
C ILE B 179 0.27 -3.46 27.00
N ARG B 180 0.33 -2.19 27.37
CA ARG B 180 -0.85 -1.42 27.68
C ARG B 180 -1.72 -1.25 26.46
N ILE B 181 -2.87 -1.90 26.47
CA ILE B 181 -3.89 -1.76 25.39
C ILE B 181 -4.70 -0.50 25.66
N THR B 182 -5.12 0.19 24.62
CA THR B 182 -5.84 1.45 24.75
C THR B 182 -7.14 1.31 24.03
N ASP B 183 -7.98 2.32 24.13
CA ASP B 183 -9.29 2.28 23.48
C ASP B 183 -9.17 2.61 22.00
N ASN B 184 -8.00 3.04 21.56
CA ASN B 184 -7.79 3.25 20.17
C ASN B 184 -7.39 1.97 19.47
N MET B 185 -7.45 0.84 20.19
CA MET B 185 -7.16 -0.45 19.62
C MET B 185 -8.29 -1.42 19.87
N PHE B 186 -8.31 -2.45 19.06
CA PHE B 186 -8.98 -3.66 19.42
C PHE B 186 -8.20 -4.80 18.86
N CYS B 187 -8.57 -6.01 19.31
CA CYS B 187 -7.86 -7.20 18.93
C CYS B 187 -8.83 -8.24 18.37
N ALA B 188 -8.30 -9.21 17.64
CA ALA B 188 -9.12 -10.24 16.96
C ALA B 188 -8.34 -11.52 16.71
N GLY B 189 -9.10 -12.58 16.47
CA GLY B 189 -8.54 -13.94 16.34
C GLY B 189 -9.22 -14.99 17.23
N TYR B 190 -9.03 -16.25 16.86
CA TYR B 190 -9.60 -17.34 17.60
C TYR B 190 -8.84 -17.56 18.88
N LYS B 191 -9.46 -18.33 19.74
CA LYS B 191 -8.91 -18.70 21.03
C LYS B 191 -8.47 -20.12 20.86
N PRO B 192 -7.59 -20.61 21.74
CA PRO B 192 -7.03 -21.95 21.57
C PRO B 192 -8.10 -23.06 21.44
N ASP B 193 -9.09 -23.03 22.32
CA ASP B 193 -10.18 -24.04 22.29
C ASP B 193 -11.14 -23.98 21.08
N GLU B 194 -11.16 -22.86 20.36
CA GLU B 194 -12.02 -22.70 19.17
C GLU B 194 -11.62 -23.53 17.94
N GLY B 195 -10.41 -24.05 17.89
CA GLY B 195 -10.03 -25.02 16.85
C GLY B 195 -10.06 -24.56 15.40
N LYS B 196 -10.24 -23.27 15.16
CA LYS B 196 -9.87 -22.66 13.91
C LYS B 196 -8.70 -21.78 14.29
N ARG B 197 -7.92 -21.37 13.30
CA ARG B 197 -6.83 -20.45 13.53
C ARG B 197 -6.66 -19.51 12.35
N GLY B 198 -5.85 -18.48 12.55
CA GLY B 198 -5.71 -17.40 11.59
C GLY B 198 -5.14 -16.15 12.25
N ASP B 199 -4.39 -15.39 11.48
CA ASP B 199 -3.84 -14.13 11.96
C ASP B 199 -3.30 -13.32 10.79
N ALA B 200 -3.19 -12.02 11.01
CA ALA B 200 -2.26 -11.15 10.26
C ALA B 200 -0.81 -11.45 10.62
N CYS B 201 0.10 -11.12 9.72
CA CYS B 201 1.50 -11.35 9.97
C CYS B 201 2.33 -10.18 9.46
N GLU B 202 3.65 -10.28 9.57
CA GLU B 202 4.49 -9.16 9.23
C GLU B 202 4.33 -8.90 7.74
N GLY B 203 4.15 -7.63 7.39
CA GLY B 203 3.92 -7.21 6.02
C GLY B 203 2.48 -6.94 5.69
N ASP B 204 1.57 -7.34 6.57
CA ASP B 204 0.15 -7.03 6.44
C ASP B 204 -0.23 -5.71 7.13
N SER B 205 0.71 -5.03 7.78
CA SER B 205 0.40 -3.77 8.44
C SER B 205 -0.17 -2.72 7.50
N GLY B 206 -1.13 -1.93 7.99
CA GLY B 206 -1.76 -0.90 7.18
C GLY B 206 -2.98 -1.35 6.39
N GLY B 207 -3.11 -2.66 6.17
CA GLY B 207 -4.27 -3.17 5.47
C GLY B 207 -5.54 -3.09 6.30
N PRO B 208 -6.70 -3.13 5.64
CA PRO B 208 -7.94 -2.98 6.37
C PRO B 208 -8.41 -4.28 7.04
N PHE B 209 -8.99 -4.12 8.24
CA PHE B 209 -9.95 -5.07 8.87
C PHE B 209 -11.34 -4.54 8.54
N VAL B 210 -12.09 -5.29 7.74
CA VAL B 210 -13.40 -4.84 7.24
C VAL B 210 -14.55 -5.74 7.67
N MET B 211 -15.74 -5.14 7.75
CA MET B 211 -16.95 -5.82 8.14
C MET B 211 -18.06 -5.41 7.17
N LYS B 212 -18.79 -6.39 6.67
CA LYS B 212 -19.93 -6.11 5.81
C LYS B 212 -21.11 -5.81 6.72
N SER B 213 -21.74 -4.65 6.54
CA SER B 213 -22.87 -4.26 7.37
C SER B 213 -24.11 -4.96 6.89
N PRO B 214 -24.84 -5.59 7.81
CA PRO B 214 -26.10 -6.22 7.47
C PRO B 214 -27.26 -5.24 7.31
N PHE B 215 -27.06 -3.96 7.67
CA PHE B 215 -28.08 -2.93 7.56
C PHE B 215 -28.18 -2.30 6.17
N ASN B 216 -27.02 -2.06 5.56
CA ASN B 216 -26.96 -1.49 4.19
C ASN B 216 -26.10 -2.26 3.19
N ASN B 217 -25.62 -3.45 3.58
CA ASN B 217 -24.80 -4.30 2.69
C ASN B 217 -23.46 -3.74 2.19
N ARG B 218 -22.90 -2.80 2.92
CA ARG B 218 -21.65 -2.21 2.54
C ARG B 218 -20.55 -2.63 3.49
N TRP B 219 -19.35 -2.61 2.95
CA TRP B 219 -18.13 -2.90 3.66
C TRP B 219 -17.58 -1.61 4.28
N TYR B 220 -17.30 -1.71 5.57
CA TYR B 220 -16.77 -0.63 6.39
C TYR B 220 -15.43 -1.07 6.92
N GLN B 221 -14.43 -0.18 6.89
CA GLN B 221 -13.14 -0.47 7.54
C GLN B 221 -13.22 -0.12 9.02
N MET B 222 -13.16 -1.16 9.84
CA MET B 222 -13.21 -0.97 11.29
C MET B 222 -11.82 -0.84 11.88
N GLY B 223 -10.84 -1.49 11.27
CA GLY B 223 -9.46 -1.34 11.73
C GLY B 223 -8.36 -1.37 10.67
N ILE B 224 -7.15 -1.30 11.19
CA ILE B 224 -5.92 -1.30 10.42
C ILE B 224 -4.97 -2.27 11.11
N VAL B 225 -4.43 -3.24 10.37
CA VAL B 225 -3.46 -4.20 10.93
C VAL B 225 -2.32 -3.41 11.53
N SER B 226 -2.02 -3.70 12.79
CA SER B 226 -1.16 -2.85 13.57
C SER B 226 -0.05 -3.65 14.20
N ALA B 227 -0.40 -4.58 15.09
CA ALA B 227 0.60 -5.30 15.90
C ALA B 227 0.16 -6.70 16.34
N GLY B 228 1.10 -7.42 16.94
CA GLY B 228 0.87 -8.74 17.53
C GLY B 228 2.20 -9.32 18.01
N ALA B 229 2.17 -10.52 18.57
CA ALA B 229 3.41 -11.20 19.02
C ALA B 229 3.53 -12.46 18.18
N GLY B 230 4.59 -12.54 17.38
CA GLY B 230 4.69 -13.58 16.37
C GLY B 230 3.50 -13.49 15.44
N CYS B 231 3.06 -14.62 14.92
CA CYS B 231 1.86 -14.72 14.11
C CYS B 231 1.20 -16.03 14.44
N ASP B 232 -0.11 -15.99 14.68
CA ASP B 232 -0.93 -17.19 14.85
C ASP B 232 -0.49 -17.97 16.07
N ARG B 233 -0.09 -17.28 17.13
CA ARG B 233 0.31 -17.95 18.38
C ARG B 233 -0.93 -18.27 19.19
N ASP B 234 -0.92 -19.43 19.87
CA ASP B 234 -2.05 -19.85 20.70
C ASP B 234 -2.18 -18.90 21.87
N GLY B 235 -3.39 -18.38 22.06
CA GLY B 235 -3.69 -17.45 23.14
C GLY B 235 -3.07 -16.08 22.95
N LYS B 236 -2.70 -15.78 21.71
CA LYS B 236 -2.27 -14.47 21.31
C LYS B 236 -3.22 -14.04 20.26
N TYR B 237 -3.27 -12.73 20.05
CA TYR B 237 -4.29 -12.10 19.25
C TYR B 237 -3.67 -10.91 18.50
N GLY B 238 -4.00 -10.77 17.22
CA GLY B 238 -3.61 -9.59 16.47
C GLY B 238 -4.35 -8.35 16.92
N PHE B 239 -3.66 -7.20 16.86
CA PHE B 239 -4.17 -5.90 17.31
C PHE B 239 -4.36 -4.98 16.12
N TYR B 240 -5.43 -4.18 16.20
CA TYR B 240 -5.83 -3.30 15.07
C TYR B 240 -6.08 -1.92 15.60
N THR B 241 -5.75 -0.92 14.78
CA THR B 241 -6.05 0.46 15.11
C THR B 241 -7.54 0.65 14.91
N HIS B 242 -8.17 1.24 15.92
CA HIS B 242 -9.62 1.41 15.97
C HIS B 242 -9.96 2.63 15.11
N VAL B 243 -10.38 2.38 13.89
CA VAL B 243 -10.61 3.48 12.93
C VAL B 243 -11.58 4.54 13.45
N PHE B 244 -12.76 4.13 13.85
CA PHE B 244 -13.76 5.10 14.30
C PHE B 244 -13.25 6.02 15.37
N ARG B 245 -12.65 5.47 16.41
CA ARG B 245 -12.03 6.27 17.46
C ARG B 245 -11.19 7.43 16.96
N LEU B 246 -10.55 7.25 15.81
CA LEU B 246 -9.65 8.27 15.28
C LEU B 246 -10.26 9.11 14.13
N LYS B 247 -11.55 8.92 13.84
CA LYS B 247 -12.26 9.68 12.80
C LYS B 247 -12.20 11.21 12.97
N LYS B 248 -12.35 11.66 14.21
CA LYS B 248 -11.95 13.00 14.66
C LYS B 248 -10.81 13.60 13.82
N TRP B 249 -9.74 12.81 13.74
CA TRP B 249 -8.44 13.27 13.31
C TRP B 249 -8.41 13.22 11.79
N ILE B 250 -8.91 12.11 11.24
CA ILE B 250 -9.12 11.95 9.80
C ILE B 250 -9.84 13.16 9.18
N GLN B 251 -10.99 13.45 9.76
CA GLN B 251 -11.82 14.62 9.47
C GLN B 251 -10.96 15.86 9.44
N LYS B 252 -10.19 16.05 10.50
CA LYS B 252 -9.41 17.28 10.67
C LYS B 252 -8.31 17.42 9.61
N VAL B 253 -7.64 16.33 9.25
CA VAL B 253 -6.56 16.48 8.28
C VAL B 253 -7.20 16.67 6.90
N ILE B 254 -8.24 15.91 6.60
CA ILE B 254 -8.88 16.05 5.31
C ILE B 254 -9.46 17.43 5.12
N ASP B 255 -10.09 17.98 6.15
CA ASP B 255 -10.60 19.33 6.04
C ASP B 255 -9.51 20.34 5.80
N GLN B 256 -8.38 20.17 6.49
CA GLN B 256 -7.31 21.17 6.46
C GLN B 256 -6.51 21.19 5.16
N PHE B 257 -6.28 20.00 4.61
CA PHE B 257 -5.31 19.78 3.54
C PHE B 257 -5.85 19.14 2.30
N GLY B 258 -7.15 18.86 2.25
CA GLY B 258 -7.72 18.07 1.15
C GLY B 258 -8.01 18.79 -0.16
N GLY B 259 -8.08 20.13 -0.15
CA GLY B 259 -8.41 20.92 -1.34
C GLY B 259 -7.27 21.10 -2.34
N GLY B 260 -6.73 19.99 -2.87
CA GLY B 260 -5.57 19.98 -3.77
C GLY B 260 -5.68 18.87 -4.81
N SER B 261 -6.15 19.25 -6.02
CA SER B 261 -6.55 18.35 -7.13
C SER B 261 -8.05 18.05 -7.07
N GLU B 290 52.43 15.71 -9.45
CA GLU B 290 51.47 15.22 -10.50
C GLU B 290 52.08 14.08 -11.37
N PRO B 291 51.35 12.95 -11.52
CA PRO B 291 51.70 11.95 -12.52
C PRO B 291 50.93 12.13 -13.83
N VAL B 292 51.51 11.63 -14.91
CA VAL B 292 50.95 11.71 -16.25
C VAL B 292 49.88 10.65 -16.42
N ASP B 293 48.63 11.01 -16.15
CA ASP B 293 47.48 10.09 -16.24
C ASP B 293 46.23 10.95 -16.34
N PRO B 294 45.54 10.93 -17.45
CA PRO B 294 44.37 11.78 -17.56
C PRO B 294 43.35 11.50 -16.47
N CYS B 295 43.30 10.26 -16.02
CA CYS B 295 42.40 9.88 -14.95
C CYS B 295 42.68 10.53 -13.59
N PHE B 296 43.89 11.02 -13.33
CA PHE B 296 44.23 11.64 -12.04
C PHE B 296 43.25 12.70 -11.59
N ARG B 297 42.78 13.51 -12.52
CA ARG B 297 41.85 14.60 -12.23
C ARG B 297 40.45 14.10 -11.92
N ALA B 298 40.03 13.05 -12.63
CA ALA B 298 38.68 12.54 -12.57
C ALA B 298 38.20 12.29 -11.14
N ASN B 299 36.90 12.45 -10.97
CA ASN B 299 36.26 12.11 -9.71
C ASN B 299 35.00 11.34 -10.01
N CYS B 300 35.13 10.32 -10.85
CA CYS B 300 34.01 9.53 -11.33
C CYS B 300 33.44 8.66 -10.22
N GLU B 301 32.11 8.49 -10.26
CA GLU B 301 31.39 7.76 -9.25
C GLU B 301 31.72 6.27 -9.26
N TYR B 302 31.80 5.70 -10.47
CA TYR B 302 32.11 4.29 -10.67
C TYR B 302 33.54 4.20 -11.16
N GLN B 303 33.76 4.51 -12.43
CA GLN B 303 35.02 4.20 -13.11
C GLN B 303 35.47 5.27 -14.08
N CYS B 304 36.79 5.52 -14.12
CA CYS B 304 37.43 6.35 -15.11
C CYS B 304 37.99 5.50 -16.24
N GLN B 305 37.82 5.96 -17.46
CA GLN B 305 38.51 5.37 -18.60
C GLN B 305 39.28 6.47 -19.33
N PRO B 306 40.59 6.25 -19.58
CA PRO B 306 41.33 7.20 -20.41
C PRO B 306 40.98 7.02 -21.88
N LEU B 307 40.81 8.12 -22.60
CA LEU B 307 40.57 8.09 -24.05
C LEU B 307 41.86 8.52 -24.76
N ASN B 308 42.25 9.79 -24.57
CA ASN B 308 43.51 10.35 -25.08
C ASN B 308 44.49 10.09 -23.92
N GLN B 309 45.75 10.45 -24.09
CA GLN B 309 46.63 10.67 -22.93
C GLN B 309 46.30 11.94 -22.15
N THR B 310 45.44 12.78 -22.71
CA THR B 310 45.12 14.07 -22.19
C THR B 310 43.69 14.19 -21.71
N SER B 311 42.84 13.17 -21.89
CA SER B 311 41.47 13.25 -21.42
C SER B 311 40.81 11.91 -21.04
N TYR B 312 39.86 12.00 -20.11
CA TYR B 312 39.18 10.83 -19.53
C TYR B 312 37.70 10.76 -19.84
N LEU B 313 37.10 9.64 -19.47
CA LEU B 313 35.66 9.50 -19.58
C LEU B 313 35.15 8.71 -18.39
N CYS B 314 34.23 9.30 -17.66
CA CYS B 314 33.50 8.59 -16.63
C CYS B 314 32.62 7.55 -17.27
N VAL B 315 32.80 6.30 -16.84
CA VAL B 315 32.05 5.17 -17.36
C VAL B 315 31.29 4.52 -16.21
N CYS B 316 30.39 3.62 -16.59
CA CYS B 316 29.33 3.16 -15.73
C CYS B 316 29.19 1.64 -15.86
N ALA B 317 28.70 1.00 -14.79
CA ALA B 317 28.54 -0.46 -14.75
C ALA B 317 27.51 -0.93 -15.78
N GLU B 318 27.52 -2.21 -16.17
CA GLU B 318 26.58 -2.65 -17.21
C GLU B 318 25.21 -2.42 -16.70
N GLY B 319 24.33 -1.99 -17.60
CA GLY B 319 22.95 -1.64 -17.25
C GLY B 319 22.82 -0.27 -16.65
N PHE B 320 23.91 0.50 -16.59
CA PHE B 320 23.91 1.90 -16.11
C PHE B 320 24.41 2.83 -17.21
N ALA B 321 24.29 4.13 -16.94
CA ALA B 321 24.78 5.21 -17.81
C ALA B 321 24.97 6.52 -17.02
N PRO B 322 25.78 7.46 -17.53
CA PRO B 322 25.91 8.72 -16.81
C PRO B 322 24.65 9.53 -16.88
N ILE B 323 24.50 10.40 -15.88
CA ILE B 323 23.35 11.25 -15.76
C ILE B 323 23.51 12.39 -16.76
N PRO B 324 22.63 12.46 -17.78
CA PRO B 324 22.84 13.39 -18.89
C PRO B 324 23.39 14.78 -18.55
N HIS B 325 22.91 15.44 -17.49
CA HIS B 325 23.45 16.74 -17.08
C HIS B 325 24.51 16.68 -15.95
N GLU B 326 24.79 15.46 -15.47
CA GLU B 326 25.65 15.21 -14.27
C GLU B 326 26.61 14.03 -14.59
N PRO B 327 27.51 14.23 -15.56
CA PRO B 327 28.15 13.10 -16.23
C PRO B 327 29.24 12.35 -15.43
N HIS B 328 29.71 12.94 -14.32
CA HIS B 328 30.56 12.23 -13.37
C HIS B 328 29.77 11.28 -12.48
N ARG B 329 28.44 11.49 -12.39
CA ARG B 329 27.54 10.60 -11.67
C ARG B 329 26.79 9.67 -12.62
N CYS B 330 26.26 8.61 -12.05
CA CYS B 330 25.88 7.43 -12.80
C CYS B 330 24.42 7.07 -12.45
N GLN B 331 23.70 6.38 -13.33
CA GLN B 331 22.33 5.89 -13.01
C GLN B 331 21.83 4.75 -13.92
N MET B 332 20.85 3.98 -13.44
CA MET B 332 20.30 2.87 -14.26
C MET B 332 19.63 3.41 -15.51
N PHE B 333 19.63 2.62 -16.57
CA PHE B 333 19.20 3.06 -17.89
C PHE B 333 18.55 1.92 -18.67
N CYS B 334 17.52 2.24 -19.45
CA CYS B 334 16.89 1.28 -20.32
C CYS B 334 16.19 2.01 -21.48
N ASN B 335 16.51 1.62 -22.70
CA ASN B 335 15.90 2.14 -23.93
C ASN B 335 14.57 1.44 -24.06
N GLN B 336 14.46 0.23 -23.50
CA GLN B 336 13.55 -0.81 -23.96
C GLN B 336 12.34 -1.08 -23.06
N THR B 337 11.47 -1.99 -23.49
CA THR B 337 10.21 -2.20 -22.79
C THR B 337 10.48 -2.89 -21.45
N ALA B 338 11.44 -3.79 -21.43
CA ALA B 338 11.90 -4.42 -20.21
C ALA B 338 13.42 -4.52 -20.13
N CYS B 339 13.92 -4.70 -18.91
CA CYS B 339 15.36 -4.74 -18.60
C CYS B 339 15.53 -5.56 -17.33
N PRO B 340 16.67 -6.25 -17.17
CA PRO B 340 16.91 -6.94 -15.89
C PRO B 340 17.13 -5.99 -14.69
N ALA B 341 16.67 -6.43 -13.53
CA ALA B 341 16.83 -5.65 -12.31
C ALA B 341 18.24 -5.78 -11.81
N ASP B 342 18.82 -4.69 -11.35
CA ASP B 342 20.04 -4.71 -10.56
C ASP B 342 19.69 -5.05 -9.11
N CYS B 343 19.57 -6.34 -8.82
CA CYS B 343 19.49 -6.81 -7.46
C CYS B 343 20.92 -6.94 -6.97
N ASP B 344 21.11 -7.25 -5.70
CA ASP B 344 22.46 -7.36 -5.17
C ASP B 344 22.90 -8.79 -5.50
N PRO B 345 24.12 -8.93 -6.12
CA PRO B 345 24.62 -10.23 -6.57
C PRO B 345 24.32 -11.43 -5.66
N ASN B 346 24.98 -11.53 -4.50
CA ASN B 346 24.89 -12.74 -3.64
C ASN B 346 23.54 -12.88 -2.88
N THR B 347 22.49 -12.15 -3.30
CA THR B 347 21.34 -11.80 -2.42
C THR B 347 19.94 -12.36 -2.71
N GLN B 348 19.61 -12.57 -3.99
CA GLN B 348 18.27 -13.03 -4.43
C GLN B 348 17.18 -11.97 -4.20
N ALA B 349 17.58 -10.69 -4.13
CA ALA B 349 16.72 -9.50 -3.89
C ALA B 349 17.58 -8.20 -3.74
N SER B 350 17.00 -7.15 -3.13
CA SER B 350 17.59 -5.80 -3.03
C SER B 350 17.61 -5.05 -4.36
N CYS B 351 16.46 -5.05 -5.02
CA CYS B 351 16.38 -4.79 -6.45
C CYS B 351 16.18 -3.33 -6.80
N GLU B 352 16.99 -2.81 -7.72
CA GLU B 352 16.75 -1.49 -8.32
C GLU B 352 16.19 -1.57 -9.74
N CYS B 353 15.48 -0.52 -10.12
CA CYS B 353 15.01 -0.37 -11.47
C CYS B 353 15.31 1.03 -11.91
N PRO B 354 15.36 1.25 -13.22
CA PRO B 354 15.41 2.62 -13.70
C PRO B 354 14.15 3.40 -13.37
N GLU B 355 14.25 4.71 -13.43
CA GLU B 355 13.11 5.61 -13.41
C GLU B 355 12.06 5.25 -14.48
N GLY B 356 10.78 5.33 -14.11
CA GLY B 356 9.67 4.98 -15.02
C GLY B 356 9.49 3.51 -15.33
N TYR B 357 10.27 2.67 -14.64
CA TYR B 357 10.13 1.22 -14.71
C TYR B 357 9.73 0.71 -13.36
N ILE B 358 9.13 -0.48 -13.32
CA ILE B 358 8.87 -1.15 -12.08
C ILE B 358 9.32 -2.59 -12.14
N LEU B 359 9.69 -3.11 -10.99
CA LEU B 359 10.02 -4.52 -10.85
C LEU B 359 8.90 -5.42 -11.30
N ASP B 360 9.25 -6.64 -11.70
CA ASP B 360 8.26 -7.59 -12.21
C ASP B 360 8.74 -8.99 -11.98
N ASP B 361 7.87 -9.97 -12.20
CA ASP B 361 8.27 -11.36 -12.26
C ASP B 361 9.53 -11.58 -13.12
N GLY B 362 10.34 -12.54 -12.68
CA GLY B 362 11.61 -12.81 -13.30
C GLY B 362 12.73 -11.83 -12.98
N PHE B 363 12.61 -11.05 -11.91
CA PHE B 363 13.64 -10.07 -11.53
C PHE B 363 13.96 -9.12 -12.70
N ILE B 364 12.88 -8.55 -13.23
CA ILE B 364 12.88 -7.73 -14.42
C ILE B 364 12.25 -6.39 -14.11
N CYS B 365 12.80 -5.36 -14.72
CA CYS B 365 12.16 -4.05 -14.75
C CYS B 365 11.36 -3.90 -16.05
N THR B 366 10.06 -3.64 -15.97
CA THR B 366 9.26 -3.36 -17.16
C THR B 366 8.75 -1.93 -17.12
N ASP B 367 8.60 -1.35 -18.31
CA ASP B 367 8.32 0.07 -18.44
C ASP B 367 6.98 0.32 -17.85
N ILE B 368 6.77 1.50 -17.33
CA ILE B 368 5.44 1.84 -16.91
C ILE B 368 4.74 2.51 -18.11
N ASP B 369 3.46 2.24 -18.31
CA ASP B 369 2.65 2.86 -19.35
C ASP B 369 1.83 3.92 -18.67
N GLU B 370 2.24 5.16 -18.80
CA GLU B 370 1.70 6.24 -18.04
C GLU B 370 0.36 6.65 -18.69
N CYS B 371 0.17 6.29 -19.97
CA CYS B 371 -1.12 6.49 -20.66
C CYS B 371 -2.21 5.54 -20.22
N GLU B 372 -1.96 4.24 -20.20
CA GLU B 372 -2.91 3.28 -19.60
C GLU B 372 -3.20 3.60 -18.15
N ASN B 373 -2.19 4.05 -17.45
CA ASN B 373 -2.33 4.34 -16.04
C ASN B 373 -3.29 5.48 -15.82
N GLY B 374 -3.09 6.56 -16.54
CA GLY B 374 -3.80 7.79 -16.23
C GLY B 374 -2.97 8.53 -15.21
N GLY B 375 -3.35 9.79 -14.97
CA GLY B 375 -2.68 10.61 -13.98
C GLY B 375 -1.46 11.40 -14.43
N PHE B 376 -0.84 11.00 -15.52
CA PHE B 376 0.34 11.69 -16.00
C PHE B 376 0.09 12.75 -17.09
N CYS B 377 -1.05 12.67 -17.79
CA CYS B 377 -1.20 13.41 -19.04
C CYS B 377 -2.65 13.74 -19.42
N SER B 378 -2.99 15.02 -19.38
CA SER B 378 -4.32 15.47 -19.76
C SER B 378 -4.49 15.47 -21.28
N GLY B 379 -3.40 15.74 -21.99
CA GLY B 379 -3.42 15.81 -23.45
C GLY B 379 -3.52 14.44 -24.08
N VAL B 380 -2.91 14.29 -25.25
CA VAL B 380 -2.93 13.03 -25.94
C VAL B 380 -1.58 12.40 -25.68
N CYS B 381 -1.63 11.24 -25.06
CA CYS B 381 -0.50 10.60 -24.46
C CYS B 381 0.09 9.54 -25.40
N HIS B 382 1.41 9.45 -25.50
CA HIS B 382 2.06 8.30 -26.13
C HIS B 382 3.08 7.72 -25.17
N ASN B 383 2.94 6.49 -24.82
CA ASN B 383 3.87 6.06 -23.90
C ASN B 383 5.27 5.90 -24.37
N LEU B 384 6.21 6.10 -23.45
CA LEU B 384 7.58 5.79 -23.69
C LEU B 384 8.33 5.13 -22.53
N PRO B 385 9.10 4.10 -22.86
CA PRO B 385 10.03 3.36 -22.01
C PRO B 385 10.76 4.33 -21.13
N GLY B 386 10.59 4.22 -19.83
CA GLY B 386 11.12 5.17 -18.88
C GLY B 386 10.36 6.48 -18.73
N THR B 387 9.69 6.95 -19.78
CA THR B 387 8.85 8.14 -19.68
C THR B 387 7.59 8.02 -20.56
N PHE B 388 7.14 9.18 -21.06
CA PHE B 388 6.01 9.33 -21.97
C PHE B 388 6.01 10.64 -22.75
N GLU B 389 5.15 10.72 -23.74
CA GLU B 389 4.93 11.95 -24.48
C GLU B 389 3.52 12.50 -24.25
N CYS B 390 3.42 13.78 -23.94
CA CYS B 390 2.12 14.39 -23.71
C CYS B 390 1.96 15.58 -24.66
N ILE B 391 0.96 15.52 -25.53
CA ILE B 391 0.73 16.55 -26.55
C ILE B 391 -0.37 17.47 -26.07
N CYS B 392 0.00 18.67 -25.64
CA CYS B 392 -0.81 19.48 -24.74
C CYS B 392 -1.67 20.49 -25.48
N GLY B 393 -2.99 20.36 -25.32
CA GLY B 393 -3.94 21.32 -25.86
C GLY B 393 -5.26 21.17 -25.16
N ALA B 399 2.02 22.06 -28.51
CA ALA B 399 3.30 21.90 -27.83
C ALA B 399 3.39 20.54 -27.15
N ARG B 400 4.56 19.92 -27.24
CA ARG B 400 4.76 18.53 -26.84
C ARG B 400 5.73 18.42 -25.66
N HIS B 401 5.37 17.57 -24.69
CA HIS B 401 6.10 17.44 -23.43
C HIS B 401 6.60 16.01 -23.27
N ILE B 402 7.85 15.85 -22.87
CA ILE B 402 8.41 14.52 -22.57
C ILE B 402 8.49 14.36 -21.06
N GLY B 403 7.67 13.45 -20.54
CA GLY B 403 7.61 13.19 -19.12
C GLY B 403 6.93 14.27 -18.28
N THR B 404 6.17 15.19 -18.90
CA THR B 404 5.47 16.28 -18.20
C THR B 404 4.02 16.34 -18.61
N ASP B 405 3.18 16.90 -17.75
CA ASP B 405 1.82 17.20 -18.12
C ASP B 405 1.77 18.61 -18.76
N CYS B 406 0.83 19.47 -18.37
CA CYS B 406 0.65 20.76 -19.02
C CYS B 406 0.62 21.85 -17.92
C1 NAG C . 40.53 13.63 -27.43
C2 NAG C . 39.03 13.24 -27.24
C3 NAG C . 38.07 14.26 -27.85
C4 NAG C . 38.41 15.67 -27.31
C5 NAG C . 39.82 16.07 -27.77
C6 NAG C . 40.41 17.17 -26.88
C7 NAG C . 37.78 11.30 -28.36
C8 NAG C . 37.90 9.82 -28.63
N2 NAG C . 38.82 11.85 -27.69
O3 NAG C . 36.77 13.94 -27.45
O4 NAG C . 37.35 16.65 -27.40
O5 NAG C . 40.77 14.99 -27.85
O6 NAG C . 39.42 17.90 -26.17
O7 NAG C . 36.76 11.87 -28.78
C1 BMA C . 36.97 17.54 -28.51
C2 BMA C . 37.12 16.98 -29.93
C3 BMA C . 36.51 17.94 -30.96
C4 BMA C . 35.02 18.23 -30.73
C5 BMA C . 34.86 18.69 -29.28
C6 BMA C . 33.37 18.67 -28.86
O2 BMA C . 36.49 15.73 -30.05
O3 BMA C . 36.72 17.38 -32.24
O4 BMA C . 34.59 19.25 -31.64
O5 BMA C . 35.60 17.92 -28.32
O6 BMA C . 32.84 19.99 -28.70
C1 MAN C . 33.20 19.24 -32.14
C2 MAN C . 33.10 18.76 -33.60
C3 MAN C . 33.26 19.87 -34.64
C4 MAN C . 32.27 21.02 -34.41
C5 MAN C . 32.40 21.51 -32.95
C6 MAN C . 31.16 22.32 -32.53
O2 MAN C . 31.87 18.11 -33.80
O3 MAN C . 33.07 19.38 -35.96
O4 MAN C . 32.46 21.88 -35.56
O5 MAN C . 32.54 20.49 -31.94
O6 MAN C . 30.26 21.55 -31.75
C1 BMA C . 32.32 23.33 -35.61
C2 BMA C . 33.59 23.95 -36.22
C3 BMA C . 33.49 25.47 -36.42
C4 BMA C . 32.16 25.96 -37.01
C5 BMA C . 30.99 25.19 -36.39
C6 BMA C . 29.65 25.52 -37.08
O2 BMA C . 33.92 23.31 -37.44
O3 BMA C . 34.54 25.97 -37.23
O4 BMA C . 32.17 27.33 -36.66
O5 BMA C . 31.24 23.78 -36.43
O6 BMA C . 28.68 24.56 -36.80
C1 BMA C . 31.36 28.27 -37.40
C2 BMA C . 30.63 29.05 -36.31
C3 BMA C . 29.70 30.10 -36.92
C4 BMA C . 30.47 31.04 -37.85
C5 BMA C . 31.33 30.21 -38.82
C6 BMA C . 32.28 31.08 -39.63
O2 BMA C . 31.58 29.71 -35.50
O3 BMA C . 29.13 30.77 -35.82
O4 BMA C . 29.58 31.86 -38.60
O5 BMA C . 32.09 29.19 -38.19
O6 BMA C . 33.23 31.66 -38.77
C1 NAG C . 29.11 33.13 -38.06
C2 NAG C . 27.75 32.98 -37.35
C3 NAG C . 27.23 34.38 -36.99
C4 NAG C . 28.24 35.10 -36.11
C5 NAG C . 29.64 35.03 -36.73
C6 NAG C . 30.70 35.55 -35.75
C7 NAG C . 25.78 31.54 -37.66
C8 NAG C . 24.98 30.70 -38.63
N2 NAG C . 26.86 32.14 -38.15
O3 NAG C . 25.95 34.40 -36.38
O4 NAG C . 27.83 36.43 -35.94
O5 NAG C . 30.00 33.73 -37.15
O6 NAG C . 31.89 35.95 -36.41
O7 NAG C . 25.44 31.66 -36.48
C1 BMA C . 32.72 20.26 -27.29
C2 BMA C . 32.40 21.72 -26.94
C3 BMA C . 32.47 21.89 -25.41
C4 BMA C . 31.75 20.79 -24.62
C5 BMA C . 31.88 19.41 -25.25
C6 BMA C . 30.82 18.46 -24.70
O2 BMA C . 31.15 22.07 -27.48
O3 BMA C . 31.95 23.12 -24.95
O4 BMA C . 32.31 20.73 -23.33
O5 BMA C . 31.71 19.49 -26.66
O6 BMA C . 31.38 17.17 -24.77
N 0G6 D . 5.75 -7.67 17.56
CA 0G6 D . 5.81 -6.24 17.79
C 0G6 D . 5.08 -5.54 16.68
O 0G6 D . 3.96 -5.93 16.41
CB 0G6 D . 5.21 -5.94 19.18
CG 0G6 D . 5.21 -4.46 19.47
CD1 0G6 D . 6.39 -3.74 19.46
CD2 0G6 D . 4.03 -3.78 19.75
CE1 0G6 D . 6.42 -2.36 19.69
CE2 0G6 D . 4.04 -2.40 19.99
CZ 0G6 D . 5.25 -1.69 19.96
N1 0G6 D . 5.61 -4.54 15.98
CA1 0G6 D . 4.83 -3.94 14.87
C1 0G6 D . 4.64 -4.87 13.70
O1 0G6 D . 5.52 -5.67 13.43
CB1 0G6 D . 5.63 -2.72 14.42
CG1 0G6 D . 6.80 -2.57 15.39
CD 0G6 D . 6.93 -3.91 16.08
N2 0G6 D . 3.52 -4.73 12.99
CA2 0G6 D . 3.30 -5.44 11.71
C2 0G6 D . 3.26 -4.46 10.53
O2 0G6 D . 3.78 -5.11 9.37
CB2 0G6 D . 2.05 -6.31 11.75
CG2 0G6 D . 2.17 -7.40 12.80
CD3 0G6 D . 0.82 -8.05 12.97
NE 0G6 D . 0.96 -9.25 13.74
CZ1 0G6 D . -0.05 -10.05 14.07
NH1 0G6 D . -1.32 -9.79 13.71
NH2 0G6 D . 0.22 -11.16 14.78
C3 0G6 D . 4.01 -3.11 10.77
K K E . 6.43 4.37 -20.18
NA NA F . -3.98 -16.89 17.89
C1 NAG G . 12.44 11.92 9.40
C2 NAG G . 12.97 12.62 10.67
C3 NAG G . 13.02 14.13 10.50
C4 NAG G . 13.70 14.56 9.20
C5 NAG G . 13.09 13.79 8.02
C6 NAG G . 13.80 14.11 6.69
C7 NAG G . 12.37 11.29 12.68
C8 NAG G . 11.37 11.15 13.79
N2 NAG G . 12.14 12.29 11.82
O3 NAG G . 13.73 14.71 11.58
O4 NAG G . 13.49 15.94 8.99
O5 NAG G . 13.13 12.40 8.25
O6 NAG G . 15.21 14.26 6.86
O7 NAG G . 13.32 10.50 12.61
C1 NAG H . 20.06 3.13 -26.77
C2 NAG H . 21.43 3.85 -26.66
C3 NAG H . 21.99 4.35 -28.01
C4 NAG H . 22.06 3.16 -28.97
C5 NAG H . 20.66 2.57 -29.07
C6 NAG H . 20.60 1.41 -30.05
C7 NAG H . 22.66 5.25 -25.01
C8 NAG H . 22.63 6.39 -24.03
N2 NAG H . 21.52 4.95 -25.66
O3 NAG H . 23.27 4.91 -27.88
O4 NAG H . 22.59 3.56 -30.23
O5 NAG H . 20.33 2.14 -27.76
O6 NAG H . 19.93 0.29 -29.50
O7 NAG H . 23.72 4.65 -25.19
#